data_3HJC
#
_entry.id   3HJC
#
_cell.length_a   169.241
_cell.length_b   169.241
_cell.length_c   83.317
_cell.angle_alpha   90.000
_cell.angle_beta   90.000
_cell.angle_gamma   120.000
#
_symmetry.space_group_name_H-M   'P 63 2 2'
#
loop_
_entity.id
_entity.type
_entity.pdbx_description
1 polymer 'Heat shock protein 83-1'
2 non-polymer 'SULFATE ION'
3 water water
#
_entity_poly.entity_id   1
_entity_poly.type   'polypeptide(L)'
_entity_poly.pdbx_seq_one_letter_code
;MHHHHHHSSGRENLYFQGHKPLWTRDPKDVTKEEYAAFYKAISNDWEDPAATKHFSVEGQLEFRSIMFVPKRAPFDMFEP
NKKRNNIKLYVRRVFIMDNCEDLCPDWLGFVKGVVDSEDLPLNISRENLQQNKILKVIRKNIVKKCLEMFDEVAENKEDY
KQFYEQFGKNIKLGIHEDTANRKKLMELLRFYSTESGEEMTTLKDYVTRMKAGQKSIYYITGDSKKKLETSPFIEQARRR
GLEVLFMTEPIDEYVMQQVKDFEDKKFACLTKEGVHFEESEEEKQQREEEKAACEKLCKTMKEVLGDKVEKVIVSERLST
SPCILVTSEFGWSAHMEQIMRNQALRDSSMAQYMMSKKTMELNPRHPIIKELRRRVGADENDKAVKDLVFLLFDTSLLTS
GFQLEDPTGYAERINRMIKLGLSLDEEEEEAAEAPVAETAPAEV
;
_entity_poly.pdbx_strand_id   A
#
loop_
_chem_comp.id
_chem_comp.type
_chem_comp.name
_chem_comp.formula
SO4 non-polymer 'SULFATE ION' 'O4 S -2'
#
# COMPACT_ATOMS: atom_id res chain seq x y z
N HIS A 19 -45.10 -5.44 -18.99
CA HIS A 19 -43.77 -5.59 -18.32
C HIS A 19 -42.74 -4.67 -18.98
N LYS A 20 -41.85 -4.12 -18.17
CA LYS A 20 -40.92 -3.12 -18.63
C LYS A 20 -39.55 -3.35 -17.97
N PRO A 21 -38.47 -2.83 -18.59
CA PRO A 21 -37.14 -3.09 -18.10
C PRO A 21 -37.00 -2.66 -16.65
N LEU A 22 -36.25 -3.44 -15.90
CA LEU A 22 -36.13 -3.31 -14.46
C LEU A 22 -35.56 -1.95 -14.05
N TRP A 23 -34.60 -1.44 -14.84
CA TRP A 23 -33.94 -0.17 -14.56
C TRP A 23 -34.87 1.05 -14.65
N THR A 24 -36.00 0.89 -15.35
CA THR A 24 -36.97 1.97 -15.52
C THR A 24 -37.98 2.00 -14.37
N ARG A 25 -37.92 1.03 -13.47
CA ARG A 25 -38.81 1.03 -12.30
C ARG A 25 -38.22 1.93 -11.21
N ASP A 26 -39.07 2.31 -10.26
CA ASP A 26 -38.69 3.05 -9.07
C ASP A 26 -37.88 2.07 -8.22
N PRO A 27 -36.66 2.45 -7.82
CA PRO A 27 -35.81 1.54 -7.05
C PRO A 27 -36.44 1.07 -5.72
N LYS A 28 -37.34 1.87 -5.14
CA LYS A 28 -37.98 1.48 -3.89
C LYS A 28 -39.01 0.35 -4.11
N ASP A 29 -39.30 0.05 -5.37
CA ASP A 29 -40.31 -0.97 -5.70
C ASP A 29 -39.72 -2.29 -6.16
N VAL A 30 -38.41 -2.32 -6.40
CA VAL A 30 -37.75 -3.53 -6.87
C VAL A 30 -37.27 -4.34 -5.67
N THR A 31 -37.53 -5.64 -5.70
CA THR A 31 -37.07 -6.53 -4.62
C THR A 31 -35.65 -7.05 -4.86
N LYS A 32 -34.97 -7.42 -3.78
CA LYS A 32 -33.65 -8.06 -3.87
C LYS A 32 -33.58 -9.23 -4.85
N GLU A 33 -34.66 -10.01 -4.93
CA GLU A 33 -34.71 -11.16 -5.83
C GLU A 33 -34.81 -10.74 -7.28
N GLU A 34 -35.49 -9.62 -7.55
CA GLU A 34 -35.55 -9.10 -8.91
C GLU A 34 -34.18 -8.60 -9.37
N TYR A 35 -33.50 -7.87 -8.49
CA TYR A 35 -32.16 -7.38 -8.77
C TYR A 35 -31.20 -8.53 -9.04
N ALA A 36 -31.32 -9.59 -8.23
CA ALA A 36 -30.48 -10.77 -8.33
C ALA A 36 -30.66 -11.51 -9.65
N ALA A 37 -31.90 -11.80 -10.02
CA ALA A 37 -32.19 -12.46 -11.28
C ALA A 37 -31.70 -11.64 -12.49
N PHE A 38 -31.87 -10.32 -12.43
CA PHE A 38 -31.42 -9.47 -13.51
C PHE A 38 -29.89 -9.44 -13.59
N TYR A 39 -29.23 -9.44 -12.45
CA TYR A 39 -27.77 -9.50 -12.41
C TYR A 39 -27.24 -10.78 -13.08
N LYS A 40 -27.94 -11.89 -12.83
CA LYS A 40 -27.55 -13.18 -13.39
C LYS A 40 -27.80 -13.21 -14.89
N ALA A 41 -28.88 -12.59 -15.33
CA ALA A 41 -29.22 -12.54 -16.74
C ALA A 41 -28.19 -11.76 -17.57
N ILE A 42 -27.55 -10.75 -16.97
CA ILE A 42 -26.64 -9.90 -17.71
C ILE A 42 -25.14 -10.24 -17.54
N SER A 43 -24.84 -11.29 -16.78
CA SER A 43 -23.45 -11.65 -16.49
C SER A 43 -23.31 -13.16 -16.57
N ASN A 44 -22.13 -13.66 -16.22
CA ASN A 44 -21.91 -15.11 -16.16
C ASN A 44 -21.93 -15.65 -14.73
N ASP A 45 -22.16 -14.77 -13.78
CA ASP A 45 -22.23 -15.12 -12.38
C ASP A 45 -23.55 -15.82 -12.05
N TRP A 46 -23.48 -16.84 -11.21
CA TRP A 46 -24.68 -17.54 -10.78
C TRP A 46 -24.93 -17.32 -9.30
N GLU A 47 -24.16 -16.43 -8.70
CA GLU A 47 -24.37 -15.99 -7.31
C GLU A 47 -25.11 -14.66 -7.36
N ASP A 48 -25.84 -14.38 -6.28
CA ASP A 48 -26.50 -13.10 -6.10
C ASP A 48 -25.41 -12.01 -6.03
N PRO A 49 -25.74 -10.80 -6.49
CA PRO A 49 -24.70 -9.77 -6.38
C PRO A 49 -24.51 -9.39 -4.90
N ALA A 50 -23.32 -8.92 -4.56
CA ALA A 50 -23.02 -8.51 -3.20
C ALA A 50 -23.71 -7.19 -2.87
N ALA A 51 -23.79 -6.28 -3.84
CA ALA A 51 -24.42 -4.98 -3.66
C ALA A 51 -25.03 -4.46 -4.97
N THR A 52 -25.99 -3.55 -4.84
CA THR A 52 -26.77 -3.06 -5.95
C THR A 52 -26.94 -1.56 -5.79
N LYS A 53 -26.83 -0.82 -6.89
CA LYS A 53 -27.07 0.61 -6.89
C LYS A 53 -27.91 0.93 -8.12
N HIS A 54 -29.16 1.32 -7.89
CA HIS A 54 -30.10 1.60 -8.97
C HIS A 54 -30.39 3.08 -8.86
N PHE A 55 -30.02 3.84 -9.87
CA PHE A 55 -30.13 5.30 -9.79
C PHE A 55 -30.53 5.96 -11.13
N SER A 56 -30.85 7.25 -11.06
CA SER A 56 -31.12 8.02 -12.26
C SER A 56 -30.50 9.41 -12.15
N VAL A 57 -30.15 10.00 -13.28
CA VAL A 57 -29.56 11.34 -13.33
C VAL A 57 -30.49 12.20 -14.16
N GLU A 58 -30.77 13.40 -13.66
CA GLU A 58 -31.69 14.35 -14.28
CA GLU A 58 -31.68 14.34 -14.33
C GLU A 58 -31.03 15.71 -14.48
N GLY A 59 -31.50 16.48 -15.45
CA GLY A 59 -30.97 17.82 -15.69
C GLY A 59 -30.41 18.00 -17.08
N GLN A 60 -29.12 18.35 -17.15
CA GLN A 60 -28.39 18.44 -18.42
C GLN A 60 -28.53 17.12 -19.18
N LEU A 61 -28.19 16.04 -18.50
CA LEU A 61 -28.29 14.72 -19.06
C LEU A 61 -29.34 13.92 -18.32
N GLU A 62 -29.97 12.99 -19.02
CA GLU A 62 -30.90 12.10 -18.38
C GLU A 62 -30.55 10.67 -18.71
N PHE A 63 -30.26 9.91 -17.67
CA PHE A 63 -30.14 8.47 -17.82
C PHE A 63 -30.54 7.70 -16.57
N ARG A 64 -30.70 6.39 -16.71
CA ARG A 64 -30.97 5.50 -15.59
C ARG A 64 -30.02 4.33 -15.64
N SER A 65 -29.75 3.73 -14.49
CA SER A 65 -28.71 2.73 -14.41
C SER A 65 -28.87 1.81 -13.20
N ILE A 66 -28.47 0.56 -13.38
CA ILE A 66 -28.28 -0.35 -12.25
C ILE A 66 -26.85 -0.83 -12.30
N MET A 67 -26.14 -0.66 -11.21
CA MET A 67 -24.77 -1.14 -11.08
C MET A 67 -24.72 -2.24 -10.00
N PHE A 68 -23.96 -3.30 -10.26
CA PHE A 68 -23.77 -4.37 -9.29
C PHE A 68 -22.31 -4.61 -8.94
N VAL A 69 -22.07 -4.90 -7.65
CA VAL A 69 -20.82 -5.47 -7.19
C VAL A 69 -21.00 -6.98 -6.99
N PRO A 70 -20.16 -7.81 -7.64
CA PRO A 70 -20.21 -9.27 -7.45
C PRO A 70 -19.63 -9.65 -6.10
N LYS A 71 -19.89 -10.86 -5.64
CA LYS A 71 -19.28 -11.33 -4.39
C LYS A 71 -17.79 -11.64 -4.57
N ARG A 72 -17.41 -12.02 -5.78
CA ARG A 72 -16.03 -12.42 -6.04
C ARG A 72 -15.43 -11.67 -7.20
N ALA A 73 -14.13 -11.38 -7.10
CA ALA A 73 -13.42 -10.67 -8.17
C ALA A 73 -13.39 -11.54 -9.42
N PRO A 74 -13.73 -10.95 -10.58
CA PRO A 74 -13.71 -11.64 -11.86
C PRO A 74 -12.30 -11.92 -12.31
N PHE A 75 -12.19 -12.72 -13.38
CA PHE A 75 -10.90 -13.24 -13.79
C PHE A 75 -9.94 -12.16 -14.33
N PRO A 80 -6.92 -8.64 -24.42
CA PRO A 80 -6.00 -8.41 -25.56
C PRO A 80 -6.74 -7.83 -26.76
N ASN A 81 -7.59 -8.63 -27.40
CA ASN A 81 -8.48 -8.15 -28.43
C ASN A 81 -9.85 -7.78 -27.87
N LYS A 82 -10.14 -8.22 -26.66
CA LYS A 82 -11.48 -8.03 -26.10
C LYS A 82 -11.64 -6.70 -25.35
N LYS A 83 -12.56 -5.88 -25.82
CA LYS A 83 -12.98 -4.70 -25.09
C LYS A 83 -13.76 -5.12 -23.85
N ARG A 84 -13.77 -4.29 -22.83
CA ARG A 84 -14.46 -4.67 -21.61
C ARG A 84 -15.99 -4.54 -21.76
N ASN A 85 -16.71 -5.57 -21.30
CA ASN A 85 -18.14 -5.65 -21.52
C ASN A 85 -18.96 -5.83 -20.22
N ASN A 86 -18.55 -5.13 -19.18
CA ASN A 86 -19.25 -5.22 -17.91
C ASN A 86 -20.54 -4.39 -17.88
N ILE A 87 -20.66 -3.42 -18.79
CA ILE A 87 -21.81 -2.53 -18.80
C ILE A 87 -22.55 -2.49 -20.14
N LYS A 88 -23.79 -2.96 -20.11
CA LYS A 88 -24.67 -2.91 -21.26
C LYS A 88 -25.19 -1.49 -21.47
N LEU A 89 -25.18 -1.03 -22.73
CA LEU A 89 -25.61 0.31 -23.08
C LEU A 89 -26.93 0.27 -23.85
N TYR A 90 -27.88 1.06 -23.39
CA TYR A 90 -29.16 1.25 -24.05
C TYR A 90 -29.35 2.73 -24.27
N VAL A 91 -29.93 3.08 -25.41
CA VAL A 91 -30.37 4.43 -25.69
C VAL A 91 -31.87 4.40 -25.94
N ARG A 92 -32.61 5.10 -25.08
CA ARG A 92 -34.08 5.15 -25.12
C ARG A 92 -34.68 3.76 -25.12
N ARG A 93 -34.11 2.91 -24.28
CA ARG A 93 -34.60 1.53 -24.10
C ARG A 93 -34.19 0.57 -25.22
N VAL A 94 -33.43 1.05 -26.20
CA VAL A 94 -32.95 0.22 -27.29
C VAL A 94 -31.48 -0.18 -27.07
N PHE A 95 -31.20 -1.47 -27.14
CA PHE A 95 -29.85 -1.98 -26.96
C PHE A 95 -28.90 -1.44 -28.02
N ILE A 96 -27.74 -0.96 -27.59
CA ILE A 96 -26.74 -0.44 -28.52
C ILE A 96 -25.54 -1.38 -28.62
N MET A 97 -24.89 -1.61 -27.49
CA MET A 97 -23.68 -2.45 -27.42
C MET A 97 -23.40 -2.78 -25.97
N ASP A 98 -22.59 -3.81 -25.76
CA ASP A 98 -22.16 -4.15 -24.42
C ASP A 98 -20.70 -3.78 -24.16
N ASN A 99 -20.09 -3.13 -25.14
CA ASN A 99 -18.65 -2.87 -25.23
CA ASN A 99 -18.65 -2.87 -25.01
C ASN A 99 -18.24 -1.40 -25.07
N CYS A 100 -19.12 -0.53 -24.59
CA CYS A 100 -18.78 0.89 -24.58
C CYS A 100 -17.83 1.27 -23.42
N GLU A 101 -16.53 1.15 -23.66
CA GLU A 101 -15.52 1.32 -22.62
C GLU A 101 -15.58 2.68 -21.93
N ASP A 102 -15.91 3.71 -22.71
CA ASP A 102 -16.02 5.08 -22.18
C ASP A 102 -16.98 5.25 -20.99
N LEU A 103 -17.91 4.31 -20.79
CA LEU A 103 -18.89 4.40 -19.70
C LEU A 103 -18.26 4.33 -18.31
N CYS A 104 -17.13 3.65 -18.21
CA CYS A 104 -16.62 3.15 -16.96
C CYS A 104 -15.11 2.95 -17.02
N PRO A 105 -14.36 3.52 -16.07
CA PRO A 105 -12.89 3.39 -16.06
C PRO A 105 -12.45 1.94 -15.80
N ASP A 106 -11.29 1.56 -16.29
CA ASP A 106 -10.80 0.18 -16.15
C ASP A 106 -10.83 -0.38 -14.71
N TRP A 107 -10.46 0.45 -13.73
CA TRP A 107 -10.44 0.03 -12.33
C TRP A 107 -11.81 -0.35 -11.76
N LEU A 108 -12.88 0.14 -12.38
CA LEU A 108 -14.24 -0.29 -12.03
C LEU A 108 -14.72 -1.46 -12.89
N GLY A 109 -13.82 -2.07 -13.66
CA GLY A 109 -14.19 -3.13 -14.58
C GLY A 109 -14.95 -4.29 -13.96
N PHE A 110 -14.93 -4.39 -12.64
CA PHE A 110 -15.55 -5.50 -11.95
C PHE A 110 -17.04 -5.27 -11.78
N VAL A 111 -17.50 -4.04 -11.96
CA VAL A 111 -18.91 -3.70 -11.79
C VAL A 111 -19.72 -4.17 -12.98
N LYS A 112 -20.87 -4.80 -12.75
CA LYS A 112 -21.73 -5.22 -13.83
C LYS A 112 -22.92 -4.33 -13.75
N GLY A 113 -23.43 -3.89 -14.89
CA GLY A 113 -24.62 -3.06 -14.87
C GLY A 113 -25.14 -2.69 -16.24
N VAL A 114 -26.16 -1.85 -16.24
CA VAL A 114 -26.77 -1.33 -17.45
C VAL A 114 -26.86 0.19 -17.37
N VAL A 115 -26.73 0.84 -18.52
CA VAL A 115 -27.03 2.26 -18.64
C VAL A 115 -28.09 2.47 -19.71
N ASP A 116 -29.10 3.27 -19.40
CA ASP A 116 -30.11 3.61 -20.38
C ASP A 116 -30.19 5.11 -20.47
N SER A 117 -29.64 5.64 -21.56
CA SER A 117 -29.48 7.07 -21.78
C SER A 117 -30.57 7.61 -22.69
N GLU A 118 -31.18 8.69 -22.27
CA GLU A 118 -32.24 9.28 -23.07
C GLU A 118 -31.71 10.14 -24.21
N ASP A 119 -30.49 10.63 -24.10
CA ASP A 119 -30.03 11.59 -25.11
C ASP A 119 -28.65 11.38 -25.76
N LEU A 120 -28.16 10.14 -25.81
CA LEU A 120 -26.95 9.84 -26.59
C LEU A 120 -27.28 9.88 -28.09
N PRO A 121 -26.45 10.56 -28.91
CA PRO A 121 -26.79 10.68 -30.32
C PRO A 121 -26.14 9.61 -31.20
N GLU A 127 -20.40 15.39 -34.45
CA GLU A 127 -21.17 14.22 -33.96
C GLU A 127 -20.35 13.40 -32.97
N ASN A 128 -19.03 13.38 -33.18
CA ASN A 128 -18.11 12.63 -32.34
C ASN A 128 -17.91 13.23 -30.93
N LEU A 129 -17.90 14.56 -30.86
CA LEU A 129 -17.58 15.26 -29.61
C LEU A 129 -18.77 15.48 -28.69
N GLN A 130 -19.94 15.70 -29.29
CA GLN A 130 -21.18 15.78 -28.49
C GLN A 130 -21.37 14.47 -27.76
N GLN A 131 -21.08 13.38 -28.44
CA GLN A 131 -21.17 12.05 -27.87
C GLN A 131 -20.16 11.84 -26.75
N ASN A 132 -18.93 12.32 -26.95
CA ASN A 132 -17.87 12.18 -25.95
C ASN A 132 -18.16 12.90 -24.66
N LYS A 133 -18.70 14.12 -24.79
CA LYS A 133 -19.13 14.91 -23.64
C LYS A 133 -20.17 14.11 -22.84
N ILE A 134 -21.17 13.59 -23.52
CA ILE A 134 -22.21 12.79 -22.90
C ILE A 134 -21.63 11.55 -22.22
N LEU A 135 -20.71 10.85 -22.90
CA LEU A 135 -20.06 9.67 -22.31
C LEU A 135 -19.27 10.01 -21.06
N LYS A 136 -18.57 11.14 -21.06
CA LYS A 136 -17.79 11.57 -19.91
C LYS A 136 -18.68 11.82 -18.69
N VAL A 137 -19.76 12.56 -18.90
CA VAL A 137 -20.70 12.91 -17.86
C VAL A 137 -21.34 11.67 -17.29
N ILE A 138 -21.66 10.73 -18.15
CA ILE A 138 -22.15 9.43 -17.71
C ILE A 138 -21.10 8.68 -16.90
N ARG A 139 -19.85 8.70 -17.35
CA ARG A 139 -18.80 8.02 -16.60
C ARG A 139 -18.66 8.65 -15.21
N LYS A 140 -18.65 9.97 -15.17
CA LYS A 140 -18.45 10.71 -13.93
C LYS A 140 -19.50 10.25 -12.90
N ASN A 141 -20.75 10.16 -13.33
CA ASN A 141 -21.87 9.78 -12.48
C ASN A 141 -21.85 8.32 -12.05
N ILE A 142 -21.38 7.44 -12.93
CA ILE A 142 -21.25 6.03 -12.60
C ILE A 142 -20.20 5.87 -11.48
N VAL A 143 -19.08 6.57 -11.61
CA VAL A 143 -18.01 6.51 -10.63
C VAL A 143 -18.55 7.04 -9.29
N LYS A 144 -19.14 8.22 -9.33
CA LYS A 144 -19.76 8.81 -8.17
C LYS A 144 -20.69 7.83 -7.42
N LYS A 145 -21.58 7.17 -8.16
CA LYS A 145 -22.56 6.25 -7.59
C LYS A 145 -21.97 4.91 -7.13
N CYS A 146 -20.95 4.43 -7.83
CA CYS A 146 -20.21 3.25 -7.37
C CYS A 146 -19.46 3.55 -6.06
N LEU A 147 -18.81 4.71 -6.00
CA LEU A 147 -18.17 5.16 -4.78
C LEU A 147 -19.18 5.29 -3.63
N GLU A 148 -20.35 5.84 -3.94
CA GLU A 148 -21.45 5.92 -2.98
C GLU A 148 -21.80 4.50 -2.47
N MET A 149 -21.88 3.54 -3.40
CA MET A 149 -22.24 2.16 -3.07
C MET A 149 -21.21 1.50 -2.15
N PHE A 150 -19.92 1.72 -2.45
CA PHE A 150 -18.87 1.13 -1.63
C PHE A 150 -18.90 1.72 -0.23
N ASP A 151 -19.27 2.99 -0.17
CA ASP A 151 -19.38 3.65 1.11
C ASP A 151 -20.59 3.12 1.91
N GLU A 152 -21.63 2.70 1.19
CA GLU A 152 -22.79 2.03 1.80
C GLU A 152 -22.39 0.65 2.36
N VAL A 153 -21.66 -0.13 1.55
CA VAL A 153 -21.17 -1.45 2.00
C VAL A 153 -20.34 -1.30 3.28
N ALA A 154 -19.59 -0.20 3.36
CA ALA A 154 -18.70 0.03 4.49
C ALA A 154 -19.41 0.25 5.83
N GLU A 155 -20.74 0.44 5.80
CA GLU A 155 -21.50 0.62 7.06
C GLU A 155 -21.48 -0.68 7.85
N ASN A 156 -21.47 -1.81 7.14
CA ASN A 156 -21.31 -3.12 7.77
C ASN A 156 -19.88 -3.66 7.67
N LYS A 157 -19.24 -3.82 8.82
CA LYS A 157 -17.84 -4.25 8.91
C LYS A 157 -17.55 -5.57 8.20
N GLU A 158 -18.39 -6.57 8.41
CA GLU A 158 -18.18 -7.89 7.83
C GLU A 158 -18.34 -7.86 6.32
N ASP A 159 -19.32 -7.12 5.84
CA ASP A 159 -19.52 -7.00 4.39
C ASP A 159 -18.35 -6.28 3.74
N TYR A 160 -17.85 -5.23 4.41
CA TYR A 160 -16.74 -4.48 3.85
C TYR A 160 -15.47 -5.30 3.80
N LYS A 161 -15.21 -6.03 4.88
CA LYS A 161 -14.10 -6.96 4.97
C LYS A 161 -14.04 -7.82 3.71
N GLN A 162 -15.18 -8.37 3.33
CA GLN A 162 -15.29 -9.25 2.15
C GLN A 162 -15.21 -8.51 0.82
N PHE A 163 -15.84 -7.35 0.71
CA PHE A 163 -15.68 -6.52 -0.47
C PHE A 163 -14.20 -6.16 -0.69
N TYR A 164 -13.56 -5.68 0.38
CA TYR A 164 -12.21 -5.15 0.32
C TYR A 164 -11.17 -6.22 0.05
N GLU A 165 -11.42 -7.43 0.53
CA GLU A 165 -10.54 -8.54 0.18
C GLU A 165 -10.55 -8.79 -1.34
N GLN A 166 -11.71 -8.63 -1.98
CA GLN A 166 -11.84 -8.87 -3.41
C GLN A 166 -11.41 -7.66 -4.27
N PHE A 167 -11.73 -6.46 -3.82
CA PHE A 167 -11.64 -5.27 -4.67
C PHE A 167 -10.75 -4.16 -4.14
N GLY A 168 -10.02 -4.46 -3.07
CA GLY A 168 -9.04 -3.53 -2.51
C GLY A 168 -8.07 -3.12 -3.59
N LYS A 169 -7.57 -4.10 -4.34
CA LYS A 169 -6.70 -3.83 -5.50
C LYS A 169 -7.31 -2.79 -6.47
N ASN A 170 -8.62 -2.89 -6.71
CA ASN A 170 -9.31 -1.95 -7.60
C ASN A 170 -9.37 -0.50 -7.10
N ILE A 171 -9.67 -0.32 -5.82
CA ILE A 171 -9.67 0.99 -5.21
C ILE A 171 -8.28 1.61 -5.31
N LYS A 172 -7.26 0.80 -5.05
CA LYS A 172 -5.89 1.26 -5.13
C LYS A 172 -5.47 1.66 -6.55
N LEU A 173 -5.92 0.89 -7.54
CA LEU A 173 -5.75 1.24 -8.94
C LEU A 173 -6.42 2.56 -9.27
N GLY A 174 -7.62 2.76 -8.75
CA GLY A 174 -8.33 4.01 -8.93
C GLY A 174 -7.57 5.20 -8.38
N ILE A 175 -6.97 5.05 -7.20
CA ILE A 175 -6.14 6.09 -6.64
C ILE A 175 -4.94 6.41 -7.55
N HIS A 176 -4.32 5.39 -8.12
CA HIS A 176 -3.18 5.59 -9.01
C HIS A 176 -3.48 6.38 -10.29
N GLU A 177 -4.75 6.63 -10.58
CA GLU A 177 -5.13 7.31 -11.83
C GLU A 177 -6.32 8.32 -11.77
N ASP A 178 -7.31 8.06 -10.90
CA ASP A 178 -8.50 8.93 -10.74
C ASP A 178 -8.27 10.02 -9.68
N THR A 179 -7.37 10.98 -10.00
CA THR A 179 -7.03 12.06 -9.07
C THR A 179 -8.29 12.80 -8.63
N ALA A 180 -9.30 12.79 -9.47
CA ALA A 180 -10.57 13.47 -9.20
C ALA A 180 -11.35 13.02 -7.95
N ASN A 181 -11.18 11.75 -7.57
CA ASN A 181 -11.92 11.17 -6.44
C ASN A 181 -10.99 10.67 -5.31
N ARG A 182 -9.85 11.35 -5.19
CA ARG A 182 -8.78 10.99 -4.28
C ARG A 182 -9.27 10.74 -2.84
N LYS A 183 -9.96 11.73 -2.27
CA LYS A 183 -10.38 11.64 -0.89
C LYS A 183 -11.34 10.46 -0.70
N LYS A 184 -12.41 10.40 -1.47
CA LYS A 184 -13.32 9.25 -1.36
C LYS A 184 -12.61 7.91 -1.50
N LEU A 185 -11.69 7.81 -2.46
CA LEU A 185 -10.99 6.54 -2.66
C LEU A 185 -10.08 6.24 -1.51
N MET A 186 -9.35 7.24 -1.04
CA MET A 186 -8.49 7.11 0.12
C MET A 186 -9.26 6.66 1.38
N GLU A 187 -10.53 7.04 1.49
CA GLU A 187 -11.31 6.68 2.67
C GLU A 187 -11.85 5.25 2.67
N LEU A 188 -11.72 4.61 1.51
CA LEU A 188 -12.14 3.23 1.32
C LEU A 188 -11.01 2.26 1.65
N LEU A 189 -9.79 2.77 1.72
CA LEU A 189 -8.63 1.96 2.09
C LEU A 189 -8.71 1.42 3.53
N ARG A 190 -8.15 0.23 3.72
CA ARG A 190 -8.04 -0.39 5.05
C ARG A 190 -6.62 -0.94 5.20
N PHE A 191 -6.06 -0.88 6.41
CA PHE A 191 -4.73 -1.46 6.69
C PHE A 191 -4.63 -1.94 8.14
N TYR A 192 -4.04 -3.10 8.34
CA TYR A 192 -3.56 -3.44 9.66
C TYR A 192 -2.55 -2.41 10.05
N SER A 193 -2.45 -2.16 11.36
CA SER A 193 -1.43 -1.28 11.91
C SER A 193 -0.95 -1.82 13.26
N THR A 194 0.09 -1.19 13.80
CA THR A 194 0.60 -1.51 15.12
C THR A 194 -0.43 -1.31 16.24
N GLU A 195 -1.53 -0.62 15.96
CA GLU A 195 -2.54 -0.33 16.98
C GLU A 195 -3.91 -0.97 16.70
N SER A 196 -4.08 -1.54 15.52
CA SER A 196 -5.39 -2.02 15.10
C SER A 196 -5.76 -3.42 15.60
N GLY A 197 -4.79 -4.21 16.05
CA GLY A 197 -5.07 -5.57 16.52
C GLY A 197 -5.35 -6.51 15.35
N GLU A 198 -6.27 -7.44 15.56
CA GLU A 198 -6.58 -8.43 14.53
C GLU A 198 -7.61 -7.89 13.50
N GLU A 199 -7.79 -6.58 13.52
CA GLU A 199 -8.69 -5.93 12.57
C GLU A 199 -7.94 -4.83 11.82
N MET A 200 -8.45 -4.49 10.64
CA MET A 200 -7.88 -3.42 9.83
C MET A 200 -8.43 -2.09 10.30
N THR A 201 -7.65 -1.03 10.12
CA THR A 201 -8.12 0.31 10.44
C THR A 201 -8.24 1.15 9.17
N THR A 202 -8.81 2.34 9.29
CA THR A 202 -8.98 3.27 8.22
C THR A 202 -7.93 4.35 8.40
N LEU A 203 -7.70 5.13 7.35
CA LEU A 203 -6.82 6.29 7.42
C LEU A 203 -7.38 7.41 8.31
N LYS A 204 -8.69 7.64 8.28
CA LYS A 204 -9.33 8.63 9.16
C LYS A 204 -9.07 8.37 10.64
N ASP A 205 -9.22 7.10 11.02
CA ASP A 205 -8.99 6.69 12.40
C ASP A 205 -7.52 6.73 12.76
N TYR A 206 -6.67 6.47 11.78
CA TYR A 206 -5.26 6.61 12.06
C TYR A 206 -4.99 8.06 12.43
N VAL A 207 -5.59 8.98 11.68
CA VAL A 207 -5.35 10.41 11.88
C VAL A 207 -5.93 10.90 13.22
N THR A 208 -7.12 10.42 13.56
CA THR A 208 -7.71 10.67 14.87
C THR A 208 -6.82 10.23 16.04
N ARG A 209 -6.12 9.11 15.90
CA ARG A 209 -5.22 8.64 16.96
C ARG A 209 -3.85 9.35 17.00
N MET A 210 -3.57 10.23 16.03
CA MET A 210 -2.25 10.86 15.97
C MET A 210 -1.99 11.76 17.16
N LYS A 211 -0.76 11.73 17.63
CA LYS A 211 -0.31 12.55 18.74
C LYS A 211 -0.27 14.02 18.32
N ALA A 212 -0.29 14.90 19.32
CA ALA A 212 -0.31 16.37 19.13
C ALA A 212 0.56 16.90 17.98
N GLY A 213 1.88 16.73 18.09
CA GLY A 213 2.78 17.30 17.11
C GLY A 213 3.19 16.34 16.00
N GLN A 214 2.40 15.28 15.79
CA GLN A 214 2.73 14.28 14.79
C GLN A 214 2.39 14.78 13.37
N LYS A 215 3.39 14.77 12.51
CA LYS A 215 3.29 15.31 11.16
C LYS A 215 3.09 14.23 10.10
N SER A 216 3.74 13.09 10.27
CA SER A 216 3.71 12.03 9.28
C SER A 216 2.74 10.88 9.61
N ILE A 217 2.23 10.21 8.56
CA ILE A 217 1.55 8.94 8.72
C ILE A 217 2.59 7.88 8.40
N TYR A 218 2.92 7.05 9.37
CA TYR A 218 4.02 6.11 9.18
C TYR A 218 3.53 4.81 8.61
N TYR A 219 4.31 4.24 7.69
CA TYR A 219 3.99 2.93 7.16
C TYR A 219 5.24 2.15 6.87
N ILE A 220 5.09 0.83 6.73
CA ILE A 220 6.11 -0.02 6.12
C ILE A 220 5.44 -1.01 5.19
N THR A 221 6.18 -1.48 4.19
CA THR A 221 5.69 -2.50 3.29
C THR A 221 6.46 -3.81 3.47
N GLY A 222 5.84 -4.92 3.07
CA GLY A 222 6.42 -6.24 3.22
C GLY A 222 5.48 -7.36 2.82
N ASP A 223 5.96 -8.59 2.99
CA ASP A 223 5.29 -9.82 2.55
C ASP A 223 4.03 -10.14 3.34
N SER A 224 4.06 -9.90 4.65
CA SER A 224 3.00 -10.36 5.53
C SER A 224 2.91 -9.58 6.83
N LYS A 225 1.71 -9.51 7.36
CA LYS A 225 1.47 -8.92 8.68
C LYS A 225 2.37 -9.54 9.76
N LYS A 226 2.41 -10.87 9.85
CA LYS A 226 3.24 -11.56 10.83
C LYS A 226 4.65 -11.00 10.84
N LYS A 227 5.24 -10.87 9.65
CA LYS A 227 6.60 -10.37 9.52
C LYS A 227 6.72 -8.90 9.83
N LEU A 228 5.78 -8.11 9.31
CA LEU A 228 5.82 -6.67 9.57
C LEU A 228 5.63 -6.32 11.05
N GLU A 229 4.85 -7.09 11.79
CA GLU A 229 4.61 -6.70 13.18
C GLU A 229 5.80 -6.92 14.11
N THR A 230 6.78 -7.72 13.67
CA THR A 230 8.01 -7.88 14.45
C THR A 230 9.19 -7.18 13.80
N SER A 231 8.88 -6.22 12.92
CA SER A 231 9.87 -5.55 12.12
C SER A 231 10.77 -4.64 12.95
N PRO A 232 12.08 -4.63 12.64
CA PRO A 232 13.01 -3.77 13.36
C PRO A 232 12.76 -2.29 13.06
N PHE A 233 12.23 -1.98 11.88
CA PHE A 233 11.97 -0.61 11.48
C PHE A 233 11.00 0.15 12.39
N ILE A 234 10.19 -0.58 13.14
CA ILE A 234 9.15 0.04 13.95
C ILE A 234 9.46 0.04 15.46
N GLU A 235 10.66 -0.39 15.85
CA GLU A 235 10.97 -0.52 17.28
C GLU A 235 10.79 0.77 18.08
N GLN A 236 11.39 1.86 17.58
CA GLN A 236 11.35 3.15 18.26
C GLN A 236 10.01 3.87 18.04
N ALA A 237 9.38 3.66 16.89
CA ALA A 237 8.01 4.14 16.68
C ALA A 237 7.02 3.60 17.74
N ARG A 238 7.09 2.29 18.02
CA ARG A 238 6.27 1.71 19.08
C ARG A 238 6.47 2.38 20.42
N ARG A 239 7.73 2.53 20.82
CA ARG A 239 8.04 3.13 22.13
C ARG A 239 7.51 4.56 22.23
N ARG A 240 7.54 5.27 21.10
CA ARG A 240 7.11 6.66 21.06
C ARG A 240 5.62 6.84 20.87
N GLY A 241 4.91 5.77 20.59
CA GLY A 241 3.48 5.85 20.43
C GLY A 241 3.09 6.31 19.04
N LEU A 242 3.96 6.06 18.06
CA LEU A 242 3.65 6.39 16.68
C LEU A 242 3.11 5.15 16.00
N GLU A 243 1.84 5.21 15.59
CA GLU A 243 1.21 4.09 14.92
C GLU A 243 1.86 3.88 13.54
N VAL A 244 2.08 2.62 13.17
CA VAL A 244 2.64 2.34 11.85
C VAL A 244 1.66 1.47 11.09
N LEU A 245 1.41 1.82 9.83
CA LEU A 245 0.55 1.01 8.94
C LEU A 245 1.38 -0.03 8.23
N PHE A 246 0.79 -1.22 8.11
CA PHE A 246 1.42 -2.37 7.48
C PHE A 246 0.85 -2.47 6.09
N MET A 247 1.69 -2.38 5.07
CA MET A 247 1.19 -2.51 3.70
C MET A 247 1.74 -3.73 3.05
N THR A 248 0.82 -4.63 2.73
CA THR A 248 1.13 -6.01 2.44
C THR A 248 1.03 -6.36 0.96
N GLU A 249 0.48 -5.46 0.16
CA GLU A 249 0.15 -5.81 -1.21
C GLU A 249 1.10 -5.16 -2.21
N PRO A 250 1.53 -5.93 -3.23
CA PRO A 250 2.39 -5.39 -4.27
C PRO A 250 1.96 -4.01 -4.76
N ILE A 251 0.66 -3.83 -4.95
CA ILE A 251 0.15 -2.56 -5.46
C ILE A 251 0.38 -1.39 -4.48
N ASP A 252 0.43 -1.68 -3.19
CA ASP A 252 0.61 -0.61 -2.20
C ASP A 252 1.86 0.21 -2.54
N GLU A 253 2.85 -0.47 -3.08
CA GLU A 253 4.10 0.16 -3.47
C GLU A 253 3.90 1.31 -4.47
N TYR A 254 3.07 1.07 -5.49
CA TYR A 254 2.77 2.06 -6.52
C TYR A 254 1.86 3.17 -5.99
N VAL A 255 0.86 2.80 -5.20
CA VAL A 255 0.02 3.81 -4.57
C VAL A 255 0.87 4.80 -3.79
N MET A 256 1.84 4.30 -3.04
CA MET A 256 2.66 5.17 -2.21
C MET A 256 3.64 6.04 -2.99
N GLN A 257 3.84 5.72 -4.27
CA GLN A 257 4.63 6.54 -5.19
C GLN A 257 3.82 7.76 -5.63
N GLN A 258 2.53 7.55 -5.90
CA GLN A 258 1.70 8.64 -6.40
CA GLN A 258 1.63 8.60 -6.40
C GLN A 258 1.16 9.51 -5.26
N VAL A 259 0.84 8.91 -4.13
CA VAL A 259 0.19 9.61 -3.03
C VAL A 259 1.15 10.08 -1.95
N LYS A 260 1.28 11.39 -1.82
CA LYS A 260 2.21 11.97 -0.84
C LYS A 260 1.59 12.23 0.53
N ASP A 261 0.28 12.48 0.60
CA ASP A 261 -0.36 12.80 1.88
C ASP A 261 -1.87 12.50 1.95
N PHE A 262 -2.45 12.73 3.13
CA PHE A 262 -3.87 12.49 3.42
C PHE A 262 -4.29 13.37 4.60
N GLU A 263 -5.44 14.02 4.48
CA GLU A 263 -5.88 15.04 5.47
C GLU A 263 -4.71 15.88 6.00
N ASP A 264 -3.91 16.39 5.06
CA ASP A 264 -2.76 17.24 5.36
C ASP A 264 -1.60 16.62 6.17
N LYS A 265 -1.49 15.30 6.19
CA LYS A 265 -0.35 14.67 6.86
C LYS A 265 0.42 13.84 5.84
N LYS A 266 1.75 14.00 5.81
CA LYS A 266 2.60 13.29 4.86
C LYS A 266 2.72 11.82 5.20
N PHE A 267 2.84 10.96 4.19
CA PHE A 267 3.25 9.59 4.46
C PHE A 267 4.75 9.52 4.65
N ALA A 268 5.20 8.72 5.61
CA ALA A 268 6.61 8.53 5.84
C ALA A 268 6.91 7.03 5.91
N CYS A 269 7.74 6.54 5.00
CA CYS A 269 8.09 5.13 4.99
C CYS A 269 9.24 4.84 5.97
N LEU A 270 9.00 3.97 6.94
CA LEU A 270 10.03 3.63 7.93
C LEU A 270 11.10 2.63 7.44
N THR A 271 11.01 2.17 6.21
CA THR A 271 12.12 1.41 5.66
C THR A 271 13.06 2.29 4.81
N LYS A 272 12.81 3.61 4.78
CA LYS A 272 13.57 4.49 3.88
C LYS A 272 14.40 5.57 4.61
N GLU A 273 15.43 6.10 3.95
CA GLU A 273 16.05 7.33 4.41
C GLU A 273 15.06 8.48 4.27
N GLY A 274 15.25 9.52 5.07
CA GLY A 274 14.49 10.77 4.90
C GLY A 274 13.36 10.90 5.91
N VAL A 275 13.38 10.01 6.89
CA VAL A 275 12.34 9.94 7.92
C VAL A 275 12.92 10.41 9.24
N HIS A 276 12.32 11.44 9.80
CA HIS A 276 12.73 11.95 11.10
C HIS A 276 11.53 11.92 12.03
N PHE A 277 11.75 11.47 13.27
CA PHE A 277 10.76 11.62 14.31
C PHE A 277 10.84 13.03 14.83
N GLU A 278 9.72 13.52 15.37
CA GLU A 278 9.73 14.78 16.11
C GLU A 278 10.53 14.61 17.39
N GLU A 279 11.51 15.48 17.60
CA GLU A 279 12.44 15.36 18.70
C GLU A 279 12.36 16.50 19.70
N SER A 280 12.65 16.18 20.96
CA SER A 280 12.89 17.18 21.99
C SER A 280 14.24 17.83 21.73
N GLU A 281 14.40 19.08 22.19
CA GLU A 281 15.69 19.77 22.15
C GLU A 281 16.74 18.94 22.91
N GLU A 282 16.29 18.29 23.98
CA GLU A 282 17.09 17.37 24.76
C GLU A 282 17.43 16.10 23.97
N GLU A 283 16.44 15.58 23.25
CA GLU A 283 16.62 14.40 22.39
C GLU A 283 17.60 14.68 21.24
N LYS A 284 17.51 15.87 20.66
CA LYS A 284 18.42 16.34 19.62
C LYS A 284 19.88 16.17 20.05
N GLN A 285 20.24 16.78 21.17
CA GLN A 285 21.59 16.74 21.71
C GLN A 285 22.08 15.31 21.97
N GLN A 286 21.19 14.49 22.54
CA GLN A 286 21.49 13.08 22.81
C GLN A 286 21.89 12.33 21.55
N ARG A 287 21.19 12.63 20.46
CA ARG A 287 21.45 11.98 19.18
C ARG A 287 22.76 12.46 18.57
N GLU A 288 23.00 13.76 18.62
CA GLU A 288 24.23 14.35 18.10
C GLU A 288 25.48 13.84 18.82
N GLU A 289 25.37 13.70 20.15
CA GLU A 289 26.44 13.15 20.96
C GLU A 289 26.71 11.69 20.61
N GLU A 290 25.66 10.93 20.34
CA GLU A 290 25.81 9.53 19.96
C GLU A 290 26.38 9.38 18.55
N LYS A 291 26.02 10.32 17.67
CA LYS A 291 26.54 10.31 16.29
C LYS A 291 28.05 10.36 16.28
N ALA A 292 28.61 11.36 16.96
CA ALA A 292 30.06 11.59 17.01
C ALA A 292 30.85 10.39 17.55
N ALA A 293 30.35 9.78 18.61
CA ALA A 293 31.01 8.64 19.23
C ALA A 293 31.10 7.43 18.29
N CYS A 294 30.23 7.39 17.29
CA CYS A 294 30.19 6.26 16.37
C CYS A 294 30.78 6.55 15.00
N GLU A 295 31.40 7.72 14.85
CA GLU A 295 31.93 8.15 13.55
C GLU A 295 33.02 7.20 13.02
N LYS A 296 33.93 6.82 13.90
CA LYS A 296 35.02 5.90 13.57
C LYS A 296 34.47 4.52 13.19
N LEU A 297 33.60 3.98 14.05
CA LEU A 297 32.93 2.71 13.74
C LEU A 297 32.21 2.76 12.39
N CYS A 298 31.50 3.86 12.14
CA CYS A 298 30.73 4.02 10.90
C CYS A 298 31.65 3.99 9.69
N LYS A 299 32.76 4.74 9.78
CA LYS A 299 33.73 4.85 8.71
C LYS A 299 34.46 3.52 8.46
N THR A 300 34.75 2.78 9.53
CA THR A 300 35.37 1.45 9.43
C THR A 300 34.45 0.47 8.70
N MET A 301 33.20 0.41 9.16
CA MET A 301 32.20 -0.48 8.57
C MET A 301 31.98 -0.21 7.09
N LYS A 302 31.94 1.07 6.72
CA LYS A 302 31.93 1.49 5.33
C LYS A 302 33.14 0.94 4.57
N GLU A 303 34.33 1.14 5.13
CA GLU A 303 35.58 0.74 4.49
C GLU A 303 35.61 -0.78 4.34
N VAL A 304 35.19 -1.49 5.38
CA VAL A 304 35.07 -2.94 5.37
C VAL A 304 34.02 -3.42 4.34
N LEU A 305 32.91 -2.71 4.22
CA LEU A 305 31.81 -3.15 3.35
C LEU A 305 31.93 -2.73 1.88
N GLY A 306 32.78 -1.74 1.60
CA GLY A 306 32.98 -1.21 0.25
C GLY A 306 31.68 -0.80 -0.43
N ASP A 307 31.53 -1.20 -1.69
CA ASP A 307 30.38 -0.81 -2.51
C ASP A 307 29.02 -1.39 -2.08
N LYS A 308 29.03 -2.35 -1.15
CA LYS A 308 27.80 -3.02 -0.68
C LYS A 308 26.77 -2.09 -0.02
N VAL A 309 27.22 -0.97 0.53
CA VAL A 309 26.33 0.06 1.07
C VAL A 309 26.69 1.43 0.54
N GLU A 310 25.74 2.36 0.54
CA GLU A 310 26.08 3.76 0.25
C GLU A 310 26.78 4.39 1.43
N LYS A 311 26.33 4.07 2.65
CA LYS A 311 26.94 4.59 3.87
C LYS A 311 26.53 3.83 5.13
N VAL A 312 27.18 4.16 6.23
CA VAL A 312 26.78 3.64 7.52
C VAL A 312 26.56 4.83 8.43
N ILE A 313 25.42 4.83 9.11
CA ILE A 313 25.04 5.92 10.01
C ILE A 313 24.42 5.39 11.30
N VAL A 314 24.24 6.30 12.25
CA VAL A 314 23.59 5.98 13.50
C VAL A 314 22.08 6.07 13.29
N SER A 315 21.38 5.03 13.72
CA SER A 315 19.94 4.97 13.57
C SER A 315 19.23 5.67 14.71
N GLU A 316 18.01 6.14 14.43
CA GLU A 316 17.11 6.57 15.49
C GLU A 316 15.83 5.70 15.54
N ARG A 317 15.79 4.63 14.73
CA ARG A 317 14.59 3.77 14.60
C ARG A 317 14.65 2.52 15.46
N LEU A 318 15.85 2.18 15.91
CA LEU A 318 16.07 0.90 16.57
C LEU A 318 16.06 0.99 18.09
N SER A 319 15.62 -0.09 18.71
CA SER A 319 15.58 -0.20 20.15
C SER A 319 16.26 -1.50 20.55
N THR A 320 15.80 -2.59 19.96
CA THR A 320 16.19 -3.91 20.38
C THR A 320 17.18 -4.53 19.38
N SER A 321 17.15 -4.09 18.12
CA SER A 321 18.02 -4.63 17.09
C SER A 321 19.29 -3.81 16.95
N PRO A 322 20.41 -4.46 16.59
CA PRO A 322 21.69 -3.76 16.44
C PRO A 322 21.81 -2.89 15.21
N CYS A 323 21.08 -3.23 14.15
CA CYS A 323 21.21 -2.56 12.86
C CYS A 323 20.15 -3.01 11.87
N ILE A 324 20.00 -2.20 10.82
CA ILE A 324 19.07 -2.47 9.74
C ILE A 324 19.65 -1.91 8.46
N LEU A 325 19.09 -2.36 7.34
CA LEU A 325 19.38 -1.77 6.05
C LEU A 325 18.18 -0.99 5.59
N VAL A 326 18.44 0.25 5.22
CA VAL A 326 17.42 1.16 4.78
C VAL A 326 17.67 1.56 3.31
N THR A 327 16.58 1.85 2.63
CA THR A 327 16.59 2.17 1.22
C THR A 327 16.53 3.69 1.04
N SER A 328 16.83 4.17 -0.16
CA SER A 328 16.84 5.61 -0.42
C SER A 328 15.43 6.21 -0.48
N GLU A 329 15.36 7.52 -0.22
CA GLU A 329 14.11 8.26 -0.12
C GLU A 329 13.26 8.18 -1.38
N PHE A 330 13.91 8.23 -2.54
CA PHE A 330 13.21 8.36 -3.81
C PHE A 330 13.14 7.05 -4.61
N GLY A 331 14.00 6.10 -4.26
CA GLY A 331 14.09 4.86 -5.02
C GLY A 331 13.15 3.75 -4.55
N TRP A 332 13.29 2.58 -5.19
CA TRP A 332 12.55 1.38 -4.84
C TRP A 332 12.90 0.89 -3.45
N SER A 333 11.89 0.40 -2.74
CA SER A 333 12.12 -0.19 -1.43
C SER A 333 12.57 -1.64 -1.60
N ALA A 334 12.98 -2.24 -0.49
CA ALA A 334 13.40 -3.63 -0.44
C ALA A 334 12.30 -4.54 -0.95
N HIS A 335 11.09 -4.35 -0.42
CA HIS A 335 9.93 -5.12 -0.82
C HIS A 335 9.61 -4.95 -2.31
N MET A 336 9.68 -3.71 -2.79
CA MET A 336 9.42 -3.40 -4.19
C MET A 336 10.46 -4.08 -5.09
N GLU A 337 11.72 -3.98 -4.67
CA GLU A 337 12.82 -4.61 -5.37
C GLU A 337 12.60 -6.09 -5.60
N GLN A 338 12.23 -6.82 -4.56
CA GLN A 338 12.05 -8.26 -4.69
C GLN A 338 10.77 -8.66 -5.43
N ILE A 339 9.78 -7.76 -5.46
CA ILE A 339 8.65 -7.96 -6.34
C ILE A 339 9.15 -7.94 -7.78
N MET A 340 10.10 -7.03 -8.05
CA MET A 340 10.61 -6.83 -9.41
C MET A 340 11.57 -7.93 -9.89
N ARG A 341 12.50 -8.35 -9.02
CA ARG A 341 13.43 -9.43 -9.35
C ARG A 341 12.67 -10.71 -9.70
N ASN A 342 11.66 -11.02 -8.90
CA ASN A 342 10.78 -12.17 -9.13
C ASN A 342 9.95 -12.05 -10.41
N GLN A 343 9.52 -10.82 -10.72
CA GLN A 343 8.68 -10.57 -11.91
C GLN A 343 9.44 -9.81 -13.01
N GLN A 352 15.47 -0.53 -13.24
CA GLN A 352 16.89 -0.62 -13.56
C GLN A 352 17.67 0.45 -12.79
N TYR A 353 17.49 1.71 -13.17
CA TYR A 353 18.10 2.85 -12.47
C TYR A 353 17.21 3.35 -11.33
N MET A 354 16.26 2.52 -10.92
CA MET A 354 15.29 2.85 -9.87
C MET A 354 15.55 2.13 -8.54
N MET A 355 16.31 1.04 -8.59
CA MET A 355 16.63 0.25 -7.37
C MET A 355 17.68 0.95 -6.50
N SER A 356 17.34 1.11 -5.22
CA SER A 356 18.16 1.86 -4.27
C SER A 356 19.43 1.13 -3.84
N LYS A 357 20.50 1.91 -3.66
CA LYS A 357 21.62 1.48 -2.86
C LYS A 357 21.19 1.44 -1.39
N LYS A 358 21.82 0.58 -0.60
CA LYS A 358 21.45 0.38 0.79
C LYS A 358 22.25 1.26 1.74
N THR A 359 21.60 1.68 2.81
CA THR A 359 22.23 2.41 3.90
C THR A 359 22.09 1.62 5.19
N MET A 360 23.21 1.36 5.84
CA MET A 360 23.20 0.67 7.12
C MET A 360 23.05 1.65 8.27
N GLU A 361 22.09 1.39 9.14
CA GLU A 361 21.90 2.21 10.31
C GLU A 361 22.19 1.38 11.53
N LEU A 362 22.89 1.96 12.50
CA LEU A 362 23.30 1.22 13.69
C LEU A 362 22.60 1.71 14.94
N ASN A 363 22.21 0.77 15.79
CA ASN A 363 21.69 1.06 17.10
C ASN A 363 22.85 1.37 18.07
N PRO A 364 23.08 2.66 18.36
CA PRO A 364 24.27 3.03 19.14
C PRO A 364 24.21 2.53 20.59
N ARG A 365 23.03 2.09 21.04
CA ARG A 365 22.84 1.60 22.40
C ARG A 365 22.89 0.06 22.52
N HIS A 366 22.89 -0.62 21.36
CA HIS A 366 22.92 -2.08 21.34
C HIS A 366 24.28 -2.61 21.78
N PRO A 367 24.27 -3.65 22.64
CA PRO A 367 25.50 -4.26 23.16
C PRO A 367 26.48 -4.63 22.07
N ILE A 368 26.01 -5.30 21.02
CA ILE A 368 26.90 -5.68 19.91
C ILE A 368 27.57 -4.45 19.30
N ILE A 369 26.78 -3.41 19.06
CA ILE A 369 27.34 -2.20 18.46
C ILE A 369 28.36 -1.54 19.39
N LYS A 370 28.02 -1.47 20.67
CA LYS A 370 28.94 -0.94 21.69
C LYS A 370 30.31 -1.65 21.69
N GLU A 371 30.27 -2.99 21.63
CA GLU A 371 31.48 -3.81 21.63
C GLU A 371 32.33 -3.57 20.39
N LEU A 372 31.68 -3.43 19.24
CA LEU A 372 32.37 -3.14 17.99
C LEU A 372 33.03 -1.77 18.02
N ARG A 373 32.32 -0.79 18.58
CA ARG A 373 32.85 0.56 18.72
C ARG A 373 34.16 0.55 19.52
N ARG A 374 34.18 -0.21 20.62
CA ARG A 374 35.37 -0.33 21.44
C ARG A 374 36.49 -1.13 20.76
N ARG A 375 36.12 -2.24 20.11
CA ARG A 375 37.10 -3.03 19.36
C ARG A 375 37.65 -2.27 18.17
N VAL A 376 36.86 -1.34 17.62
CA VAL A 376 37.34 -0.48 16.53
C VAL A 376 38.16 0.66 17.12
N GLY A 377 37.69 1.20 18.24
CA GLY A 377 38.40 2.26 18.96
C GLY A 377 39.81 1.85 19.33
N ALA A 378 40.07 0.55 19.36
CA ALA A 378 41.36 -0.02 19.73
C ALA A 378 42.00 -0.89 18.63
N ASP A 379 41.30 -1.04 17.51
CA ASP A 379 41.69 -1.97 16.45
C ASP A 379 43.15 -1.81 16.01
N ASN A 381 42.28 -6.67 17.94
CA ASN A 381 40.89 -6.92 17.57
C ASN A 381 40.49 -6.25 16.25
N ASP A 382 41.12 -6.68 15.15
CA ASP A 382 40.79 -6.18 13.82
C ASP A 382 40.28 -7.29 12.90
N LYS A 383 40.94 -8.45 12.93
CA LYS A 383 40.51 -9.63 12.17
C LYS A 383 39.03 -9.92 12.38
N ALA A 384 38.65 -10.15 13.64
CA ALA A 384 37.28 -10.55 14.00
C ALA A 384 36.20 -9.53 13.63
N VAL A 385 36.61 -8.27 13.55
CA VAL A 385 35.69 -7.17 13.26
C VAL A 385 35.10 -7.30 11.87
N LYS A 386 35.95 -7.62 10.90
CA LYS A 386 35.52 -7.84 9.52
C LYS A 386 34.41 -8.89 9.45
N ASP A 387 34.68 -10.07 10.02
CA ASP A 387 33.72 -11.17 10.04
C ASP A 387 32.40 -10.72 10.62
N LEU A 388 32.49 -10.05 11.77
CA LEU A 388 31.32 -9.54 12.48
C LEU A 388 30.54 -8.54 11.63
N VAL A 389 31.24 -7.66 10.93
CA VAL A 389 30.59 -6.65 10.09
C VAL A 389 29.78 -7.28 8.94
N PHE A 390 30.38 -8.21 8.22
CA PHE A 390 29.69 -8.90 7.14
C PHE A 390 28.55 -9.75 7.65
N LEU A 391 28.74 -10.32 8.84
CA LEU A 391 27.72 -11.12 9.46
C LEU A 391 26.49 -10.26 9.77
N LEU A 392 26.75 -9.06 10.28
CA LEU A 392 25.69 -8.13 10.63
C LEU A 392 25.00 -7.65 9.35
N PHE A 393 25.81 -7.36 8.35
CA PHE A 393 25.30 -6.99 7.05
C PHE A 393 24.41 -8.07 6.45
N ASP A 394 24.92 -9.30 6.35
CA ASP A 394 24.14 -10.36 5.72
C ASP A 394 22.87 -10.65 6.49
N THR A 395 22.94 -10.54 7.82
CA THR A 395 21.75 -10.78 8.63
C THR A 395 20.74 -9.64 8.42
N SER A 396 21.25 -8.41 8.36
CA SER A 396 20.43 -7.25 8.04
C SER A 396 19.67 -7.39 6.71
N LEU A 397 20.29 -8.00 5.69
CA LEU A 397 19.56 -8.28 4.45
C LEU A 397 18.30 -9.10 4.72
N LEU A 398 18.47 -10.13 5.54
CA LEU A 398 17.37 -11.01 5.91
C LEU A 398 16.26 -10.27 6.66
N THR A 399 16.63 -9.35 7.54
CA THR A 399 15.63 -8.69 8.36
C THR A 399 15.10 -7.42 7.70
N SER A 400 15.84 -6.90 6.75
CA SER A 400 15.45 -5.66 6.12
C SER A 400 14.66 -5.91 4.85
N GLY A 401 14.46 -7.19 4.52
CA GLY A 401 13.58 -7.58 3.43
C GLY A 401 14.26 -7.80 2.09
N PHE A 402 15.52 -8.25 2.13
CA PHE A 402 16.28 -8.57 0.92
C PHE A 402 16.60 -10.06 0.87
N GLN A 403 16.90 -10.56 -0.31
CA GLN A 403 17.35 -11.96 -0.44
C GLN A 403 18.88 -12.00 -0.33
N LEU A 404 19.41 -13.13 0.14
CA LEU A 404 20.85 -13.38 0.12
C LEU A 404 21.24 -13.98 -1.23
N GLU A 405 22.15 -13.34 -1.95
CA GLU A 405 22.64 -13.92 -3.20
C GLU A 405 23.52 -15.15 -2.95
N ASP A 406 24.19 -15.16 -1.80
CA ASP A 406 25.22 -16.16 -1.49
C ASP A 406 25.00 -16.82 -0.14
N PRO A 407 24.00 -17.72 -0.03
CA PRO A 407 23.75 -18.33 1.27
C PRO A 407 24.85 -19.26 1.82
N THR A 408 25.62 -19.94 0.97
CA THR A 408 26.69 -20.78 1.54
C THR A 408 27.89 -19.99 2.08
N GLY A 409 28.21 -18.85 1.46
CA GLY A 409 29.18 -17.90 2.01
C GLY A 409 28.74 -17.40 3.38
N TYR A 410 27.44 -17.12 3.51
CA TYR A 410 26.89 -16.65 4.75
C TYR A 410 26.92 -17.77 5.81
N ALA A 411 26.58 -18.98 5.38
CA ALA A 411 26.67 -20.15 6.25
C ALA A 411 28.08 -20.31 6.81
N GLU A 412 29.09 -20.04 5.99
CA GLU A 412 30.48 -20.16 6.42
C GLU A 412 30.83 -19.22 7.58
N ARG A 413 30.25 -18.03 7.58
CA ARG A 413 30.49 -17.07 8.67
C ARG A 413 29.75 -17.48 9.93
N ILE A 414 28.50 -17.91 9.77
CA ILE A 414 27.72 -18.50 10.85
C ILE A 414 28.47 -19.66 11.50
N ASN A 415 28.98 -20.57 10.69
CA ASN A 415 29.74 -21.70 11.20
C ASN A 415 30.99 -21.30 11.97
N ARG A 416 31.74 -20.32 11.44
CA ARG A 416 32.92 -19.81 12.13
C ARG A 416 32.56 -19.14 13.44
N MET A 417 31.43 -18.43 13.45
CA MET A 417 30.92 -17.73 14.63
CA MET A 417 30.99 -17.75 14.65
C MET A 417 30.50 -18.75 15.69
N ILE A 418 29.86 -19.82 15.23
CA ILE A 418 29.45 -20.90 16.13
C ILE A 418 30.67 -21.60 16.73
N LYS A 419 31.66 -21.90 15.89
CA LYS A 419 32.92 -22.54 16.34
C LYS A 419 33.57 -21.77 17.50
N LEU A 420 33.57 -20.45 17.40
CA LEU A 420 34.01 -19.58 18.48
C LEU A 420 33.26 -19.84 19.80
N GLY A 421 31.94 -19.69 19.75
CA GLY A 421 31.08 -19.99 20.90
C GLY A 421 31.33 -21.37 21.50
N LEU A 422 31.41 -22.39 20.66
CA LEU A 422 31.57 -23.76 21.15
C LEU A 422 32.92 -24.01 21.84
N SER A 423 33.93 -23.19 21.55
CA SER A 423 35.25 -23.29 22.20
C SER A 423 35.97 -21.94 22.22
S SO4 B . -10.07 3.83 -19.51
O1 SO4 B . -9.81 5.27 -19.53
O2 SO4 B . -9.11 3.11 -20.35
O3 SO4 B . -9.98 3.29 -18.14
O4 SO4 B . -11.40 3.62 -20.07
S SO4 C . 25.27 -24.58 8.06
O1 SO4 C . 25.69 -23.34 7.40
O2 SO4 C . 26.18 -25.60 7.53
O3 SO4 C . 25.39 -24.36 9.51
O4 SO4 C . 23.88 -24.96 7.73
#